data_6DKV
#
_entry.id   6DKV
#
_cell.length_a   96.266
_cell.length_b   96.266
_cell.length_c   155.010
_cell.angle_alpha   90.00
_cell.angle_beta   90.00
_cell.angle_gamma   120.00
#
_symmetry.space_group_name_H-M   'P 61 2 2'
#
loop_
_entity.id
_entity.type
_entity.pdbx_description
1 polymer 'Kemp eliminase KE07'
2 non-polymer DI(HYDROXYETHYL)ETHER
3 non-polymer 5-nitro-2-oxidanyl-benzenecarbonitrile
4 water water
#
_entity_poly.entity_id   1
_entity_poly.type   'polypeptide(L)'
_entity_poly.pdbx_seq_one_letter_code
;MALAKRIDAALIMKDGRVVKGSNFENLRDSGDPVELGKFYSEIGIDELSFWDITASVEKRKTMLELVEKVAEQIDIPFTV
GGGIHDFETASELILRGADKVEINTAAVENPSLITQIAQTFGSQAVVVYIAAKRVDGEFMVFTYSGKKNTGILLRDWVVE
VEKRGAGEIVLGSIDRLGTKSGYDTEMIRFVRPLTTLPIIAHRGAGKMEHFLEAFLAGADAAKADSVFHFREIDVRELKE
YLKKHGVNVRLEGLGSLEHHHHHH
;
_entity_poly.pdbx_strand_id   A
#
loop_
_chem_comp.id
_chem_comp.type
_chem_comp.name
_chem_comp.formula
6VP non-polymer 5-nitro-2-oxidanyl-benzenecarbonitrile 'C7 H4 N2 O3'
PEG non-polymer DI(HYDROXYETHYL)ETHER 'C4 H10 O3'
#
# COMPACT_ATOMS: atom_id res chain seq x y z
N LEU A 3 -2.63 16.16 -8.20
CA LEU A 3 -3.92 15.68 -7.73
C LEU A 3 -4.11 15.93 -6.22
N ALA A 4 -5.35 15.77 -5.77
CA ALA A 4 -5.59 15.79 -4.34
C ALA A 4 -4.72 14.74 -3.67
N LYS A 5 -4.32 15.01 -2.43
CA LYS A 5 -3.68 14.00 -1.64
C LYS A 5 -4.67 12.91 -1.25
N ARG A 6 -4.19 11.68 -1.17
CA ARG A 6 -5.00 10.50 -0.97
C ARG A 6 -4.70 9.88 0.38
N ILE A 7 -5.74 9.40 1.04
CA ILE A 7 -5.61 8.65 2.29
C ILE A 7 -6.00 7.20 2.01
N ASP A 8 -5.07 6.28 2.26
CA ASP A 8 -5.25 4.86 1.97
C ASP A 8 -5.28 4.06 3.26
N ALA A 9 -6.23 3.13 3.36
CA ALA A 9 -6.26 2.18 4.45
C ALA A 9 -5.74 0.83 3.95
N ALA A 10 -4.77 0.27 4.66
CA ALA A 10 -4.25 -1.04 4.35
C ALA A 10 -4.82 -2.06 5.34
N LEU A 11 -5.26 -3.18 4.78
CA LEU A 11 -5.75 -4.32 5.54
C LEU A 11 -4.86 -5.52 5.27
N ILE A 12 -4.18 -5.97 6.31
CA ILE A 12 -3.38 -7.17 6.29
C ILE A 12 -4.28 -8.35 6.56
N MET A 13 -4.23 -9.35 5.70
N MET A 13 -4.23 -9.35 5.70
CA MET A 13 -5.10 -10.51 5.87
CA MET A 13 -5.10 -10.51 5.87
C MET A 13 -4.42 -11.87 5.74
C MET A 13 -4.43 -11.87 5.74
N LYS A 14 -5.18 -12.85 6.24
CA LYS A 14 -4.81 -14.25 6.25
C LYS A 14 -6.08 -15.09 6.29
N ASP A 15 -6.15 -16.07 5.39
CA ASP A 15 -7.30 -16.98 5.33
C ASP A 15 -8.62 -16.21 5.30
N GLY A 16 -8.61 -15.07 4.62
CA GLY A 16 -9.81 -14.28 4.44
C GLY A 16 -10.21 -13.43 5.62
N ARG A 17 -9.38 -13.37 6.67
CA ARG A 17 -9.66 -12.59 7.87
C ARG A 17 -8.67 -11.44 7.98
N VAL A 18 -9.15 -10.34 8.53
CA VAL A 18 -8.30 -9.20 8.84
C VAL A 18 -7.45 -9.56 10.04
N VAL A 19 -6.15 -9.63 9.84
CA VAL A 19 -5.21 -9.97 10.90
C VAL A 19 -5.29 -8.94 12.01
N LYS A 20 -5.80 -9.36 13.17
CA LYS A 20 -5.95 -8.57 14.39
C LYS A 20 -7.16 -7.65 14.34
N GLY A 21 -8.04 -7.83 13.37
CA GLY A 21 -9.35 -7.22 13.35
C GLY A 21 -9.29 -5.70 13.47
N SER A 22 -10.32 -5.17 14.13
CA SER A 22 -10.46 -3.75 14.35
C SER A 22 -11.39 -3.53 15.53
N ASN A 23 -11.51 -2.27 15.97
CA ASN A 23 -12.26 -1.90 17.16
C ASN A 23 -13.61 -1.27 16.83
N PHE A 24 -14.09 -1.42 15.61
CA PHE A 24 -15.36 -0.82 15.24
C PHE A 24 -16.47 -1.76 15.71
N GLU A 25 -17.03 -1.46 16.89
CA GLU A 25 -18.06 -2.25 17.55
C GLU A 25 -19.36 -2.30 16.76
N ASN A 26 -19.57 -1.32 15.90
CA ASN A 26 -20.78 -1.26 15.09
C ASN A 26 -20.81 -2.28 13.95
N LEU A 27 -19.77 -3.09 13.79
CA LEU A 27 -19.72 -4.03 12.68
C LEU A 27 -20.14 -5.42 13.14
N ARG A 28 -20.86 -6.14 12.26
CA ARG A 28 -21.21 -7.52 12.56
C ARG A 28 -19.96 -8.34 12.86
N ASP A 29 -18.93 -8.17 12.04
CA ASP A 29 -17.68 -8.92 12.18
C ASP A 29 -16.56 -7.92 11.92
N SER A 30 -15.91 -7.49 12.98
CA SER A 30 -14.86 -6.48 12.83
C SER A 30 -13.60 -7.07 12.19
N GLY A 31 -13.55 -8.38 11.96
CA GLY A 31 -12.48 -9.02 11.23
C GLY A 31 -12.81 -9.36 9.80
N ASP A 32 -13.99 -9.01 9.32
CA ASP A 32 -14.39 -9.27 7.95
C ASP A 32 -13.85 -8.16 7.05
N PRO A 33 -12.93 -8.48 6.13
CA PRO A 33 -12.34 -7.44 5.30
C PRO A 33 -13.34 -6.68 4.44
N VAL A 34 -14.37 -7.36 3.94
CA VAL A 34 -15.33 -6.67 3.09
C VAL A 34 -16.11 -5.65 3.90
N GLU A 35 -16.62 -6.07 5.06
CA GLU A 35 -17.43 -5.17 5.87
C GLU A 35 -16.60 -4.02 6.41
N LEU A 36 -15.37 -4.31 6.86
CA LEU A 36 -14.48 -3.24 7.32
C LEU A 36 -14.14 -2.28 6.19
N GLY A 37 -13.76 -2.80 5.03
CA GLY A 37 -13.42 -1.94 3.91
C GLY A 37 -14.59 -1.13 3.39
N LYS A 38 -15.78 -1.72 3.41
CA LYS A 38 -16.96 -0.95 3.04
C LYS A 38 -17.15 0.23 3.99
N PHE A 39 -17.01 -0.03 5.28
CA PHE A 39 -17.11 1.04 6.27
C PHE A 39 -16.12 2.15 5.97
N TYR A 40 -14.83 1.80 5.82
CA TYR A 40 -13.84 2.81 5.49
C TYR A 40 -14.24 3.59 4.26
N SER A 41 -14.80 2.92 3.26
CA SER A 41 -15.18 3.66 2.06
C SER A 41 -16.30 4.64 2.36
N GLU A 42 -17.10 4.36 3.38
CA GLU A 42 -18.21 5.25 3.71
C GLU A 42 -17.78 6.44 4.58
N ILE A 43 -16.69 6.31 5.35
CA ILE A 43 -16.29 7.41 6.22
C ILE A 43 -15.18 8.26 5.65
N GLY A 44 -14.70 7.98 4.45
CA GLY A 44 -13.75 8.89 3.83
C GLY A 44 -12.39 8.34 3.42
N ILE A 45 -12.14 7.04 3.53
CA ILE A 45 -10.93 6.49 2.92
C ILE A 45 -11.00 6.62 1.41
N ASP A 46 -9.87 6.94 0.79
CA ASP A 46 -9.89 7.15 -0.64
C ASP A 46 -9.60 5.89 -1.42
N GLU A 47 -8.76 5.02 -0.88
N GLU A 47 -8.75 5.01 -0.89
CA GLU A 47 -8.35 3.79 -1.54
CA GLU A 47 -8.39 3.77 -1.57
C GLU A 47 -8.07 2.73 -0.48
C GLU A 47 -8.04 2.74 -0.52
N LEU A 48 -8.38 1.49 -0.80
CA LEU A 48 -8.05 0.38 0.07
C LEU A 48 -6.93 -0.45 -0.54
N SER A 49 -6.06 -0.98 0.31
N SER A 49 -6.08 -1.06 0.36
CA SER A 49 -5.00 -1.88 -0.10
CA SER A 49 -5.02 -1.97 -0.05
C SER A 49 -5.14 -3.12 0.76
C SER A 49 -5.16 -3.20 0.81
N PHE A 50 -5.26 -4.28 0.13
CA PHE A 50 -5.32 -5.54 0.85
C PHE A 50 -4.00 -6.27 0.63
N TRP A 51 -3.39 -6.72 1.73
CA TRP A 51 -2.09 -7.39 1.66
C TRP A 51 -2.23 -8.75 2.33
N ASP A 52 -2.09 -9.81 1.53
CA ASP A 52 -2.41 -11.16 1.97
C ASP A 52 -1.15 -11.92 2.35
N ILE A 53 -1.26 -12.70 3.45
CA ILE A 53 -0.22 -13.59 3.93
C ILE A 53 -0.72 -15.02 4.20
N THR A 54 -1.75 -15.46 3.56
N THR A 54 -1.70 -15.50 3.47
CA THR A 54 -2.14 -16.80 3.78
CA THR A 54 -2.16 -16.85 3.69
C THR A 54 -0.80 -17.57 3.63
C THR A 54 -1.18 -17.91 3.16
N ALA A 55 -0.20 -18.12 4.74
N ALA A 55 -1.32 -19.18 3.61
CA ALA A 55 1.10 -18.79 4.68
CA ALA A 55 -0.43 -20.31 3.30
C ALA A 55 0.87 -20.17 4.07
C ALA A 55 -0.56 -20.77 1.84
N SER A 56 -0.35 -20.68 4.23
N SER A 56 0.60 -21.13 1.28
CA SER A 56 -0.81 -21.96 3.72
CA SER A 56 0.74 -21.42 -0.15
C SER A 56 -0.80 -22.17 2.22
C SER A 56 -0.43 -22.20 -0.74
N VAL A 57 -1.26 -23.33 1.81
N VAL A 57 -0.90 -23.23 -0.03
CA VAL A 57 -1.33 -23.59 0.39
CA VAL A 57 -1.86 -24.15 -0.62
C VAL A 57 -2.58 -22.96 -0.25
C VAL A 57 -3.16 -23.43 -0.97
N GLU A 58 -3.77 -23.00 0.17
CA GLU A 58 -4.94 -22.07 -0.08
C GLU A 58 -4.78 -20.50 -0.58
N LYS A 59 -3.60 -19.95 -0.89
CA LYS A 59 -3.39 -18.51 -1.06
C LYS A 59 -4.06 -17.97 -2.31
N ARG A 60 -3.82 -18.62 -3.45
CA ARG A 60 -4.24 -18.07 -4.73
C ARG A 60 -5.76 -17.98 -4.81
N LYS A 61 -6.43 -19.03 -4.35
CA LYS A 61 -7.88 -19.08 -4.36
C LYS A 61 -8.45 -18.12 -3.33
N THR A 62 -7.73 -17.95 -2.22
CA THR A 62 -8.16 -17.06 -1.17
C THR A 62 -8.08 -15.60 -1.62
N MET A 63 -7.00 -15.25 -2.34
CA MET A 63 -6.85 -13.88 -2.80
C MET A 63 -7.86 -13.55 -3.88
N LEU A 64 -8.12 -14.49 -4.78
CA LEU A 64 -9.16 -14.27 -5.79
C LEU A 64 -10.56 -14.11 -5.19
N GLU A 65 -10.88 -14.93 -4.18
CA GLU A 65 -12.18 -14.80 -3.51
C GLU A 65 -12.31 -13.45 -2.80
N LEU A 66 -11.26 -13.04 -2.08
CA LEU A 66 -11.24 -11.72 -1.47
C LEU A 66 -11.53 -10.63 -2.50
N VAL A 67 -10.78 -10.60 -3.61
N VAL A 67 -10.74 -10.60 -3.59
CA VAL A 67 -10.99 -9.49 -4.55
CA VAL A 67 -10.94 -9.58 -4.61
C VAL A 67 -12.33 -9.60 -5.25
C VAL A 67 -12.37 -9.61 -5.10
N GLU A 68 -12.87 -10.81 -5.41
CA GLU A 68 -14.23 -10.94 -5.93
C GLU A 68 -15.25 -10.38 -4.95
N LYS A 69 -15.13 -10.76 -3.68
CA LYS A 69 -16.06 -10.26 -2.66
C LYS A 69 -15.94 -8.75 -2.48
N VAL A 70 -14.71 -8.21 -2.48
CA VAL A 70 -14.52 -6.76 -2.34
C VAL A 70 -15.15 -6.02 -3.50
N ALA A 71 -14.89 -6.48 -4.72
CA ALA A 71 -15.34 -5.74 -5.90
C ALA A 71 -16.87 -5.63 -5.93
N GLU A 72 -17.58 -6.63 -5.39
CA GLU A 72 -19.05 -6.56 -5.36
C GLU A 72 -19.54 -5.39 -4.54
N GLN A 73 -19.04 -5.26 -3.30
CA GLN A 73 -19.64 -4.35 -2.33
C GLN A 73 -18.98 -2.99 -2.24
N ILE A 74 -17.76 -2.80 -2.75
CA ILE A 74 -17.00 -1.58 -2.51
C ILE A 74 -16.79 -0.83 -3.81
N ASP A 75 -16.96 0.49 -3.73
CA ASP A 75 -16.97 1.34 -4.91
C ASP A 75 -15.85 2.37 -4.94
N ILE A 76 -14.77 2.17 -4.20
CA ILE A 76 -13.59 3.02 -4.37
C ILE A 76 -12.49 2.14 -4.93
N PRO A 77 -11.43 2.71 -5.47
CA PRO A 77 -10.34 1.90 -6.01
C PRO A 77 -9.71 1.06 -4.91
N PHE A 78 -9.18 -0.11 -5.29
CA PHE A 78 -8.49 -0.91 -4.29
C PHE A 78 -7.37 -1.69 -4.95
N THR A 79 -6.35 -1.99 -4.14
N THR A 79 -6.32 -1.95 -4.17
CA THR A 79 -5.15 -2.70 -4.54
CA THR A 79 -5.19 -2.74 -4.62
C THR A 79 -5.02 -4.01 -3.76
C THR A 79 -5.14 -4.05 -3.83
N VAL A 80 -4.41 -5.01 -4.38
CA VAL A 80 -4.18 -6.29 -3.74
C VAL A 80 -2.70 -6.63 -3.88
N GLY A 81 -2.15 -7.27 -2.86
CA GLY A 81 -0.74 -7.58 -2.90
C GLY A 81 -0.45 -8.66 -1.89
N GLY A 82 0.79 -9.10 -1.90
CA GLY A 82 1.28 -10.11 -0.98
C GLY A 82 1.66 -11.39 -1.70
N GLY A 83 2.94 -11.53 -2.04
CA GLY A 83 3.38 -12.73 -2.75
C GLY A 83 2.93 -12.84 -4.19
N ILE A 84 2.68 -11.72 -4.86
CA ILE A 84 2.39 -11.76 -6.29
C ILE A 84 3.73 -11.87 -6.99
N HIS A 85 3.97 -13.03 -7.62
CA HIS A 85 5.27 -13.41 -8.15
C HIS A 85 5.38 -13.38 -9.66
N ASP A 86 4.26 -13.30 -10.38
CA ASP A 86 4.34 -13.40 -11.83
C ASP A 86 3.16 -12.69 -12.47
N PHE A 87 3.24 -12.60 -13.78
CA PHE A 87 2.20 -11.89 -14.54
C PHE A 87 0.86 -12.59 -14.44
N GLU A 88 0.83 -13.93 -14.55
CA GLU A 88 -0.47 -14.59 -14.55
C GLU A 88 -1.22 -14.40 -13.24
N THR A 89 -0.50 -14.40 -12.11
CA THR A 89 -1.14 -14.14 -10.83
C THR A 89 -1.71 -12.72 -10.77
N ALA A 90 -0.90 -11.73 -11.17
CA ALA A 90 -1.37 -10.35 -11.17
C ALA A 90 -2.58 -10.17 -12.08
N SER A 91 -2.54 -10.77 -13.26
CA SER A 91 -3.60 -10.61 -14.25
C SER A 91 -4.91 -11.16 -13.71
N GLU A 92 -4.87 -12.35 -13.13
CA GLU A 92 -6.13 -12.94 -12.69
C GLU A 92 -6.74 -12.16 -11.54
N LEU A 93 -5.91 -11.54 -10.68
CA LEU A 93 -6.43 -10.67 -9.61
C LEU A 93 -7.05 -9.38 -10.15
N ILE A 94 -6.43 -8.74 -11.13
CA ILE A 94 -7.01 -7.53 -11.75
C ILE A 94 -8.32 -7.88 -12.47
N LEU A 95 -8.33 -8.99 -13.22
CA LEU A 95 -9.54 -9.33 -13.96
C LEU A 95 -10.68 -9.68 -13.02
N ARG A 96 -10.36 -10.28 -11.89
CA ARG A 96 -11.37 -10.61 -10.92
C ARG A 96 -11.93 -9.40 -10.20
N GLY A 97 -11.25 -8.25 -10.28
CA GLY A 97 -11.80 -6.99 -9.81
C GLY A 97 -10.85 -5.97 -9.19
N ALA A 98 -9.61 -6.35 -8.88
CA ALA A 98 -8.71 -5.35 -8.31
C ALA A 98 -8.37 -4.29 -9.36
N ASP A 99 -8.23 -3.03 -8.92
CA ASP A 99 -7.79 -1.97 -9.79
C ASP A 99 -6.27 -1.95 -10.00
N LYS A 100 -5.50 -2.38 -8.99
CA LYS A 100 -4.04 -2.34 -9.07
C LYS A 100 -3.48 -3.51 -8.27
N VAL A 101 -2.25 -3.89 -8.60
CA VAL A 101 -1.52 -4.86 -7.81
C VAL A 101 -0.30 -4.20 -7.22
N GLU A 102 0.11 -4.66 -6.04
N GLU A 102 0.08 -4.75 -5.98
CA GLU A 102 1.31 -4.19 -5.34
CA GLU A 102 1.29 -4.27 -5.29
C GLU A 102 2.32 -5.34 -5.41
C GLU A 102 2.30 -5.42 -5.36
N ILE A 103 3.50 -5.06 -5.94
CA ILE A 103 4.57 -6.04 -6.08
C ILE A 103 5.83 -5.43 -5.46
N ASN A 104 6.66 -6.30 -4.88
CA ASN A 104 7.90 -5.85 -4.26
C ASN A 104 9.00 -6.84 -4.63
N THR A 105 9.10 -7.95 -3.92
CA THR A 105 10.24 -8.85 -4.10
C THR A 105 10.36 -9.34 -5.53
N ALA A 106 9.25 -9.80 -6.11
CA ALA A 106 9.27 -10.30 -7.48
C ALA A 106 9.73 -9.25 -8.48
N ALA A 107 9.35 -7.98 -8.26
CA ALA A 107 9.82 -6.94 -9.17
C ALA A 107 11.31 -6.70 -9.00
N VAL A 108 11.84 -6.74 -7.77
CA VAL A 108 13.27 -6.54 -7.58
C VAL A 108 14.05 -7.65 -8.32
N GLU A 109 13.59 -8.87 -8.19
CA GLU A 109 14.27 -10.00 -8.83
C GLU A 109 14.04 -10.04 -10.32
N ASN A 110 12.93 -9.51 -10.80
CA ASN A 110 12.71 -9.47 -12.24
C ASN A 110 12.01 -8.17 -12.58
N PRO A 111 12.78 -7.11 -12.85
CA PRO A 111 12.16 -5.81 -13.09
C PRO A 111 11.27 -5.79 -14.30
N SER A 112 11.49 -6.69 -15.26
CA SER A 112 10.63 -6.75 -16.44
C SER A 112 9.21 -7.12 -16.06
N LEU A 113 8.99 -7.68 -14.87
CA LEU A 113 7.62 -7.98 -14.44
C LEU A 113 6.75 -6.72 -14.40
N ILE A 114 7.34 -5.58 -13.99
CA ILE A 114 6.66 -4.28 -14.00
C ILE A 114 6.14 -3.97 -15.39
N THR A 115 7.04 -4.11 -16.39
CA THR A 115 6.70 -3.83 -17.76
C THR A 115 5.66 -4.80 -18.29
N GLN A 116 5.74 -6.08 -17.90
N GLN A 116 5.81 -6.09 -17.96
CA GLN A 116 4.80 -7.05 -18.45
CA GLN A 116 4.84 -7.10 -18.38
C GLN A 116 3.39 -6.82 -17.93
C GLN A 116 3.43 -6.68 -17.96
N ILE A 117 3.25 -6.42 -16.66
CA ILE A 117 1.93 -6.10 -16.12
C ILE A 117 1.43 -4.82 -16.74
N ALA A 118 2.29 -3.79 -16.83
CA ALA A 118 1.91 -2.52 -17.41
C ALA A 118 1.51 -2.62 -18.89
N GLN A 119 2.10 -3.58 -19.64
N GLN A 119 2.13 -3.54 -19.64
CA GLN A 119 1.85 -3.66 -21.08
CA GLN A 119 1.82 -3.67 -21.06
C GLN A 119 0.46 -4.22 -21.41
C GLN A 119 0.34 -3.99 -21.27
N THR A 120 -0.19 -4.88 -20.45
CA THR A 120 -1.58 -5.32 -20.59
C THR A 120 -2.52 -4.43 -19.83
N PHE A 121 -2.12 -3.95 -18.66
CA PHE A 121 -3.08 -3.30 -17.73
C PHE A 121 -2.83 -1.81 -17.52
N GLY A 122 -1.80 -1.27 -18.13
CA GLY A 122 -1.41 0.12 -17.94
C GLY A 122 -0.54 0.32 -16.72
N SER A 123 0.29 1.37 -16.77
CA SER A 123 1.12 1.70 -15.61
C SER A 123 0.28 1.94 -14.36
N GLN A 124 -0.93 2.48 -14.53
N GLN A 124 -0.93 2.45 -14.52
CA GLN A 124 -1.72 2.77 -13.34
CA GLN A 124 -1.74 2.74 -13.36
C GLN A 124 -2.15 1.53 -12.59
C GLN A 124 -2.14 1.51 -12.58
N ALA A 125 -2.04 0.33 -13.19
CA ALA A 125 -2.36 -0.89 -12.47
C ALA A 125 -1.18 -1.45 -11.67
N VAL A 126 0.00 -0.83 -11.74
CA VAL A 126 1.22 -1.40 -11.19
C VAL A 126 1.73 -0.49 -10.08
N VAL A 127 1.70 -0.97 -8.85
CA VAL A 127 2.25 -0.26 -7.71
C VAL A 127 3.46 -1.05 -7.26
N VAL A 128 4.62 -0.42 -7.18
CA VAL A 128 5.79 -1.08 -6.63
C VAL A 128 5.96 -0.63 -5.20
N TYR A 129 5.94 -1.59 -4.28
CA TYR A 129 6.19 -1.32 -2.88
C TYR A 129 7.69 -1.45 -2.68
N ILE A 130 8.31 -0.40 -2.18
CA ILE A 130 9.73 -0.38 -1.91
C ILE A 130 9.92 -0.29 -0.40
N ALA A 131 10.48 -1.34 0.17
CA ALA A 131 10.83 -1.36 1.57
C ALA A 131 12.30 -0.98 1.66
N ALA A 132 12.60 0.06 2.41
CA ALA A 132 13.95 0.63 2.41
C ALA A 132 14.35 0.90 3.85
N LYS A 133 15.67 0.94 4.04
CA LYS A 133 16.24 1.18 5.36
C LYS A 133 17.63 1.79 5.19
N ARG A 134 18.06 2.55 6.17
CA ARG A 134 19.40 3.12 6.18
C ARG A 134 20.38 2.03 6.56
N VAL A 135 21.46 1.91 5.78
CA VAL A 135 22.55 0.99 6.07
C VAL A 135 23.83 1.74 5.77
N ASP A 136 24.69 1.90 6.78
CA ASP A 136 25.94 2.64 6.63
C ASP A 136 25.73 3.98 5.92
N GLY A 137 24.68 4.70 6.32
CA GLY A 137 24.44 6.01 5.77
C GLY A 137 23.70 6.08 4.44
N GLU A 138 23.40 4.97 3.78
N GLU A 138 23.41 4.95 3.82
CA GLU A 138 22.74 5.01 2.50
CA GLU A 138 22.74 4.91 2.53
C GLU A 138 21.42 4.22 2.54
C GLU A 138 21.35 4.29 2.68
N PHE A 139 20.42 4.73 1.83
CA PHE A 139 19.12 4.07 1.73
C PHE A 139 19.26 2.86 0.83
N MET A 140 19.00 1.67 1.38
CA MET A 140 19.04 0.43 0.63
C MET A 140 17.66 -0.21 0.57
N VAL A 141 17.47 -1.00 -0.49
CA VAL A 141 16.22 -1.71 -0.78
C VAL A 141 16.28 -3.10 -0.14
N PHE A 142 15.21 -3.46 0.57
CA PHE A 142 15.06 -4.76 1.20
C PHE A 142 13.89 -5.53 0.59
N THR A 143 14.11 -6.83 0.42
CA THR A 143 13.10 -7.78 -0.04
C THR A 143 12.79 -8.82 1.02
N TYR A 144 11.84 -9.72 0.70
CA TYR A 144 11.46 -10.83 1.57
C TYR A 144 11.06 -10.31 2.95
N SER A 145 10.11 -9.40 2.93
CA SER A 145 9.54 -8.86 4.16
C SER A 145 10.62 -8.23 5.04
N GLY A 146 11.56 -7.52 4.42
CA GLY A 146 12.60 -6.87 5.21
C GLY A 146 13.75 -7.76 5.62
N LYS A 147 13.74 -9.03 5.23
CA LYS A 147 14.81 -9.93 5.66
C LYS A 147 16.09 -9.77 4.85
N LYS A 148 16.01 -9.33 3.59
CA LYS A 148 17.16 -9.35 2.70
C LYS A 148 17.56 -7.96 2.26
N ASN A 149 18.77 -7.55 2.64
CA ASN A 149 19.41 -6.40 2.01
C ASN A 149 19.85 -6.78 0.61
N THR A 150 19.22 -6.17 -0.39
CA THR A 150 19.57 -6.48 -1.76
C THR A 150 20.89 -5.86 -2.17
N GLY A 151 21.41 -4.89 -1.41
CA GLY A 151 22.50 -4.10 -1.89
C GLY A 151 22.17 -3.11 -2.99
N ILE A 152 20.89 -2.98 -3.37
CA ILE A 152 20.48 -1.99 -4.35
C ILE A 152 20.15 -0.71 -3.60
N LEU A 153 20.68 0.41 -4.09
CA LEU A 153 20.38 1.71 -3.53
C LEU A 153 18.97 2.14 -3.91
N LEU A 154 18.26 2.67 -2.92
CA LEU A 154 16.96 3.26 -3.17
C LEU A 154 16.99 4.20 -4.36
N ARG A 155 17.97 5.07 -4.39
CA ARG A 155 18.08 6.04 -5.45
C ARG A 155 18.02 5.39 -6.80
N ASP A 156 18.73 4.29 -6.93
CA ASP A 156 18.78 3.55 -8.17
C ASP A 156 17.49 2.75 -8.42
N TRP A 157 16.90 2.15 -7.51
CA TRP A 157 15.71 1.34 -7.77
C TRP A 157 14.53 2.24 -8.18
N VAL A 158 14.36 3.38 -7.49
CA VAL A 158 13.30 4.32 -7.88
C VAL A 158 13.36 4.65 -9.36
N VAL A 159 14.55 5.00 -9.84
CA VAL A 159 14.70 5.41 -11.22
C VAL A 159 14.35 4.27 -12.16
N GLU A 160 14.81 3.06 -11.83
CA GLU A 160 14.53 1.88 -12.63
C GLU A 160 13.03 1.55 -12.64
N VAL A 161 12.39 1.66 -11.48
CA VAL A 161 10.96 1.35 -11.37
C VAL A 161 10.17 2.25 -12.30
N GLU A 162 10.50 3.52 -12.35
CA GLU A 162 9.77 4.40 -13.26
C GLU A 162 10.09 4.07 -14.71
N LYS A 163 11.35 3.82 -15.02
CA LYS A 163 11.72 3.42 -16.39
C LYS A 163 10.99 2.15 -16.83
N ARG A 164 10.78 1.19 -15.93
CA ARG A 164 10.14 -0.04 -16.33
C ARG A 164 8.65 0.08 -16.55
N GLY A 165 8.02 1.14 -16.07
CA GLY A 165 6.61 1.39 -16.33
C GLY A 165 5.68 1.35 -15.16
N ALA A 166 6.18 1.44 -13.93
CA ALA A 166 5.30 1.47 -12.76
C ALA A 166 4.48 2.78 -12.71
N GLY A 167 3.31 2.69 -12.10
CA GLY A 167 2.39 3.81 -11.98
C GLY A 167 2.53 4.58 -10.70
N GLU A 168 2.90 3.87 -9.63
CA GLU A 168 3.09 4.49 -8.33
C GLU A 168 4.10 3.70 -7.52
N ILE A 169 4.67 4.35 -6.51
N ILE A 169 4.68 4.34 -6.52
CA ILE A 169 5.67 3.75 -5.62
CA ILE A 169 5.63 3.68 -5.62
C ILE A 169 5.16 3.91 -4.18
C ILE A 169 5.19 3.91 -4.18
N VAL A 170 5.22 2.83 -3.40
CA VAL A 170 5.03 2.91 -1.96
C VAL A 170 6.41 2.91 -1.34
N LEU A 171 6.64 3.83 -0.41
CA LEU A 171 7.92 3.97 0.28
C LEU A 171 7.72 3.53 1.71
N GLY A 172 7.99 2.25 1.97
CA GLY A 172 7.81 1.71 3.30
C GLY A 172 9.11 1.76 4.06
N SER A 173 9.18 2.61 5.09
CA SER A 173 10.41 2.77 5.86
C SER A 173 10.45 1.68 6.93
N ILE A 174 11.32 0.69 6.71
CA ILE A 174 11.51 -0.34 7.72
C ILE A 174 11.97 0.28 9.03
N ASP A 175 12.74 1.38 8.96
CA ASP A 175 13.19 2.12 10.14
C ASP A 175 12.03 2.62 11.01
N ARG A 176 10.80 2.66 10.49
N ARG A 176 10.80 2.66 10.49
CA ARG A 176 9.64 3.14 11.24
CA ARG A 176 9.64 3.14 11.24
C ARG A 176 8.62 2.05 11.54
C ARG A 176 8.64 2.04 11.57
N LEU A 177 8.89 0.81 11.15
CA LEU A 177 7.91 -0.23 11.42
C LEU A 177 7.70 -0.36 12.92
N GLY A 178 6.44 -0.44 13.28
CA GLY A 178 6.07 -0.60 14.67
C GLY A 178 6.28 0.63 15.53
N THR A 179 6.66 1.75 14.95
CA THR A 179 6.77 2.98 15.70
C THR A 179 5.56 3.85 15.40
N LYS A 180 5.46 4.91 16.17
CA LYS A 180 4.38 5.88 16.07
C LYS A 180 4.95 7.28 16.07
N SER A 181 6.19 7.41 15.58
CA SER A 181 6.92 8.66 15.66
C SER A 181 6.76 9.51 14.42
N GLY A 182 6.03 9.02 13.42
CA GLY A 182 5.87 9.75 12.18
C GLY A 182 6.40 8.94 11.02
N TYR A 183 5.96 9.33 9.83
CA TYR A 183 6.49 8.79 8.62
C TYR A 183 7.93 9.27 8.43
N ASP A 184 8.67 8.50 7.63
CA ASP A 184 10.07 8.79 7.35
C ASP A 184 10.13 9.91 6.31
N THR A 185 10.00 11.17 6.77
CA THR A 185 9.91 12.28 5.83
C THR A 185 11.24 12.56 5.15
N GLU A 186 12.37 12.30 5.82
CA GLU A 186 13.67 12.38 5.17
C GLU A 186 13.74 11.43 3.98
N MET A 187 13.26 10.20 4.15
CA MET A 187 13.26 9.26 3.05
C MET A 187 12.37 9.77 1.91
N ILE A 188 11.18 10.28 2.25
CA ILE A 188 10.28 10.78 1.21
C ILE A 188 10.92 11.92 0.44
N ARG A 189 11.58 12.84 1.17
CA ARG A 189 12.19 14.00 0.55
C ARG A 189 13.37 13.61 -0.31
N PHE A 190 14.10 12.58 0.10
CA PHE A 190 15.19 12.04 -0.73
C PHE A 190 14.66 11.48 -2.04
N VAL A 191 13.51 10.78 -2.01
CA VAL A 191 12.99 10.18 -3.24
C VAL A 191 12.28 11.19 -4.14
N ARG A 192 11.63 12.20 -3.58
CA ARG A 192 10.73 13.05 -4.36
C ARG A 192 11.36 13.61 -5.63
N PRO A 193 12.58 14.15 -5.60
CA PRO A 193 13.15 14.69 -6.85
C PRO A 193 13.58 13.64 -7.86
N LEU A 194 13.61 12.35 -7.48
CA LEU A 194 14.11 11.32 -8.38
C LEU A 194 13.05 10.76 -9.29
N THR A 195 11.77 11.02 -9.01
CA THR A 195 10.70 10.38 -9.77
C THR A 195 9.54 11.35 -9.92
N THR A 196 8.85 11.21 -11.06
CA THR A 196 7.60 11.91 -11.30
C THR A 196 6.39 11.12 -10.81
N LEU A 197 6.59 9.88 -10.35
CA LEU A 197 5.46 9.04 -10.01
C LEU A 197 4.85 9.43 -8.69
N PRO A 198 3.57 9.14 -8.48
CA PRO A 198 2.98 9.30 -7.15
C PRO A 198 3.72 8.47 -6.12
N ILE A 199 4.02 9.11 -4.98
CA ILE A 199 4.68 8.47 -3.86
C ILE A 199 3.66 8.25 -2.75
N ILE A 200 3.56 7.02 -2.29
CA ILE A 200 2.72 6.68 -1.15
C ILE A 200 3.58 6.45 0.08
N ALA A 201 3.30 7.17 1.17
CA ALA A 201 4.05 6.96 2.41
C ALA A 201 3.49 5.79 3.21
N HIS A 202 4.38 4.99 3.81
CA HIS A 202 3.94 3.88 4.64
C HIS A 202 4.94 3.66 5.79
N ARG A 203 4.38 3.37 6.95
N ARG A 203 4.39 3.30 6.96
CA ARG A 203 5.09 3.06 8.19
CA ARG A 203 5.13 2.95 8.22
C ARG A 203 5.47 4.28 9.03
C ARG A 203 5.65 4.12 9.10
N GLY A 204 5.07 4.24 10.29
CA GLY A 204 5.43 5.26 11.27
C GLY A 204 4.28 6.12 11.75
N ALA A 205 3.14 6.12 11.06
CA ALA A 205 2.08 7.06 11.42
C ALA A 205 1.51 6.74 12.80
N GLY A 206 1.30 7.79 13.59
CA GLY A 206 0.78 7.67 14.95
C GLY A 206 -0.25 8.73 15.30
N LYS A 207 -0.26 9.86 14.59
CA LYS A 207 -1.23 10.92 14.85
C LYS A 207 -1.45 11.70 13.57
N MET A 208 -2.53 12.49 13.53
CA MET A 208 -2.93 13.14 12.29
C MET A 208 -1.85 14.07 11.77
N GLU A 209 -1.09 14.67 12.66
CA GLU A 209 -0.06 15.60 12.24
C GLU A 209 0.97 14.92 11.33
N HIS A 210 1.24 13.64 11.58
CA HIS A 210 2.19 12.88 10.76
C HIS A 210 1.75 12.83 9.31
N PHE A 211 0.45 12.85 9.05
CA PHE A 211 -0.01 12.87 7.68
C PHE A 211 0.33 14.18 7.00
N LEU A 212 0.11 15.31 7.71
CA LEU A 212 0.52 16.60 7.20
C LEU A 212 2.02 16.62 6.89
N GLU A 213 2.83 16.13 7.82
CA GLU A 213 4.28 16.17 7.61
C GLU A 213 4.67 15.42 6.34
N ALA A 214 4.02 14.27 6.10
CA ALA A 214 4.36 13.47 4.94
C ALA A 214 3.93 14.15 3.65
N PHE A 215 2.80 14.87 3.68
CA PHE A 215 2.40 15.58 2.47
C PHE A 215 3.33 16.74 2.19
N LEU A 216 3.82 17.42 3.23
CA LEU A 216 4.78 18.47 3.03
C LEU A 216 6.08 17.93 2.46
N ALA A 217 6.41 16.69 2.81
CA ALA A 217 7.64 16.06 2.32
C ALA A 217 7.55 15.69 0.86
N GLY A 218 6.35 15.66 0.31
CA GLY A 218 6.16 15.38 -1.09
C GLY A 218 5.35 14.13 -1.40
N ALA A 219 4.90 13.37 -0.41
CA ALA A 219 4.03 12.24 -0.67
C ALA A 219 2.76 12.70 -1.36
N ASP A 220 2.20 11.81 -2.16
CA ASP A 220 0.95 12.03 -2.83
C ASP A 220 -0.16 11.24 -2.18
N ALA A 221 0.20 10.30 -1.32
CA ALA A 221 -0.77 9.49 -0.61
C ALA A 221 -0.10 9.00 0.64
N ALA A 222 -0.90 8.75 1.64
CA ALA A 222 -0.44 8.23 2.90
C ALA A 222 -1.26 7.00 3.23
N LYS A 223 -0.55 5.90 3.47
N LYS A 223 -0.56 5.89 3.45
CA LYS A 223 -1.15 4.61 3.77
CA LYS A 223 -1.17 4.61 3.77
C LYS A 223 -0.89 4.28 5.23
C LYS A 223 -0.89 4.27 5.22
N ALA A 224 -1.91 3.74 5.89
CA ALA A 224 -1.78 3.31 7.28
C ALA A 224 -2.80 2.22 7.54
N ASP A 225 -2.62 1.56 8.67
CA ASP A 225 -3.43 0.43 9.00
C ASP A 225 -3.90 0.41 10.44
N SER A 226 -3.03 -0.03 11.34
CA SER A 226 -3.41 -0.14 12.75
C SER A 226 -3.88 1.18 13.37
N VAL A 227 -3.35 2.33 12.95
CA VAL A 227 -3.84 3.57 13.54
C VAL A 227 -5.31 3.77 13.25
N PHE A 228 -5.78 3.29 12.09
CA PHE A 228 -7.19 3.37 11.72
C PHE A 228 -7.97 2.22 12.37
N HIS A 229 -7.44 0.99 12.29
CA HIS A 229 -8.20 -0.18 12.77
C HIS A 229 -8.41 -0.14 14.28
N PHE A 230 -7.41 0.33 15.03
CA PHE A 230 -7.53 0.43 16.47
C PHE A 230 -8.00 1.81 16.91
N ARG A 231 -8.36 2.67 15.97
CA ARG A 231 -9.09 3.92 16.24
C ARG A 231 -8.26 4.96 16.98
N GLU A 232 -6.94 4.94 16.78
CA GLU A 232 -6.08 6.00 17.30
C GLU A 232 -6.28 7.27 16.49
N ILE A 233 -6.70 7.11 15.23
CA ILE A 233 -6.99 8.22 14.35
C ILE A 233 -8.32 7.89 13.70
N ASP A 234 -9.22 8.86 13.73
CA ASP A 234 -10.52 8.76 13.07
C ASP A 234 -10.37 9.32 11.68
N VAL A 235 -10.87 8.59 10.68
CA VAL A 235 -10.63 8.97 9.30
C VAL A 235 -11.27 10.31 9.00
N ARG A 236 -12.49 10.54 9.46
CA ARG A 236 -13.05 11.82 9.05
C ARG A 236 -12.40 12.97 9.82
N GLU A 237 -12.01 12.78 11.08
CA GLU A 237 -11.24 13.80 11.78
C GLU A 237 -9.95 14.09 11.04
N LEU A 238 -9.27 13.04 10.58
CA LEU A 238 -8.06 13.24 9.81
C LEU A 238 -8.31 14.06 8.56
N LYS A 239 -9.39 13.78 7.86
CA LYS A 239 -9.58 14.52 6.63
C LYS A 239 -9.93 15.97 6.90
N GLU A 240 -10.68 16.21 7.97
CA GLU A 240 -11.03 17.59 8.30
C GLU A 240 -9.79 18.34 8.73
N TYR A 241 -8.95 17.66 9.52
CA TYR A 241 -7.70 18.25 9.98
C TYR A 241 -6.82 18.66 8.79
N LEU A 242 -6.64 17.76 7.81
CA LEU A 242 -5.78 18.07 6.68
C LEU A 242 -6.34 19.20 5.85
N LYS A 243 -7.66 19.22 5.64
CA LYS A 243 -8.21 20.32 4.87
C LYS A 243 -8.05 21.64 5.60
N LYS A 244 -8.26 21.64 6.92
CA LYS A 244 -8.08 22.85 7.71
C LYS A 244 -6.69 23.44 7.49
N HIS A 245 -5.67 22.58 7.42
CA HIS A 245 -4.31 23.06 7.32
C HIS A 245 -3.80 23.14 5.90
N GLY A 246 -4.69 23.26 4.92
CA GLY A 246 -4.28 23.62 3.59
C GLY A 246 -3.97 22.47 2.64
N VAL A 247 -4.21 21.22 3.04
CA VAL A 247 -3.95 20.07 2.17
C VAL A 247 -5.18 19.80 1.32
N ASN A 248 -4.98 19.55 0.02
CA ASN A 248 -6.11 19.28 -0.87
C ASN A 248 -6.49 17.81 -0.77
N VAL A 249 -7.36 17.49 0.18
CA VAL A 249 -7.97 16.17 0.32
C VAL A 249 -9.44 16.27 -0.06
N ARG A 250 -10.06 15.12 -0.33
CA ARG A 250 -11.48 15.08 -0.68
C ARG A 250 -12.32 14.84 0.56
N LEU A 251 -13.34 15.68 0.76
CA LEU A 251 -14.37 15.47 1.78
C LEU A 251 -15.69 15.16 1.09
N GLU A 252 -16.66 14.71 1.89
CA GLU A 252 -18.02 14.46 1.38
C GLU A 252 -18.73 15.78 1.05
C1 PEG B . 12.09 11.11 -13.91
O1 PEG B . 11.74 11.19 -15.28
C2 PEG B . 12.85 12.36 -13.46
O2 PEG B . 12.28 12.93 -12.29
C3 PEG B . 12.06 14.31 -12.39
C4 PEG B . 11.05 14.76 -11.36
O4 PEG B . 10.37 15.88 -11.89
C1 PEG C . 7.76 -11.88 -0.19
C1 PEG C . 7.25 -11.29 -0.29
O1 PEG C . 7.55 -13.14 0.38
O1 PEG C . 7.07 -12.60 0.13
C2 PEG C . 6.49 -11.07 -0.07
C2 PEG C . 6.00 -10.66 -0.94
O2 PEG C . 6.18 -10.45 -1.27
O2 PEG C . 6.29 -9.56 -1.73
C3 PEG C . 6.83 -9.25 -1.51
C3 PEG C . 7.47 -8.91 -1.42
C4 PEG C . 5.62 -8.55 -2.06
C4 PEG C . 7.41 -8.44 0.03
O4 PEG C . 5.34 -9.02 -3.33
O4 PEG C . 8.65 -8.14 0.65
NAA 6VP D . 0.96 -2.07 1.26
CAE 6VP D . 1.58 -2.78 1.81
CAJ 6VP D . 2.32 -3.71 2.62
CAH 6VP D . 3.54 -4.28 2.25
CAI 6VP D . 1.75 -4.03 3.81
OAB 6VP D . 0.57 -3.47 4.11
CAF 6VP D . 2.38 -4.92 4.65
CAG 6VP D . 3.58 -5.47 4.30
CAK 6VP D . 4.18 -5.15 3.10
NAL 6VP D . 5.33 -5.73 2.85
OAD 6VP D . 6.15 -5.46 1.45
OAC 6VP D . 5.90 -6.67 3.96
#